data_5E37
#
_entry.id   5E37
#
_cell.length_a   85.960
_cell.length_b   55.190
_cell.length_c   89.580
_cell.angle_alpha   90.00
_cell.angle_beta   101.00
_cell.angle_gamma   90.00
#
_symmetry.space_group_name_H-M   'P 1 21 1'
#
loop_
_entity.id
_entity.type
_entity.pdbx_description
1 polymer 'EF-Hand domain-containing thioredoxin'
2 non-polymer 'CALCIUM ION'
3 water water
#
_entity_poly.entity_id   1
_entity_poly.type   'polypeptide(L)'
_entity_poly.pdbx_seq_one_letter_code
;MCSARSVRVVPRAATFEGLMDDASKAKMEELERRFKMADVDGNGHIDREELRNLLESMESGEVYMMSQHWLPEDELERCM
EQYDVNKDGVISFEEFKQIIYDGLLLEGTLAEYESAFKAVDKSGNGTIGATELSKLFASLGNPVSLEKLVDLMQMYDKDD
SGQIEFPEFLLMFRNSLLDLKDMTTYMTLDEAGAGSSGSLVDAVEGDMTLIFSEEELDALISANPDKLVVVFGALTWCRP
CKGMQRPVQKLAEHYKDHIVFVKLFGNANKQTKRIFKERFQIRSTPCFITLRKGEPVYTQTGSNKEKLEAGLRSLIANPP
VGMIYPSAEALAALQDPNSSSVDKLAAALEHHHHHH
;
_entity_poly.pdbx_strand_id   A,C
#
loop_
_chem_comp.id
_chem_comp.type
_chem_comp.name
_chem_comp.formula
CA non-polymer 'CALCIUM ION' 'Ca 2'
#
# COMPACT_ATOMS: atom_id res chain seq x y z
N GLY A 18 54.49 -34.06 -43.77
CA GLY A 18 54.66 -34.98 -44.97
C GLY A 18 53.73 -36.18 -44.94
N LEU A 19 53.55 -36.78 -43.75
CA LEU A 19 52.82 -38.05 -43.71
C LEU A 19 51.36 -37.97 -43.34
N MET A 20 50.81 -36.77 -43.22
CA MET A 20 49.36 -36.64 -43.20
C MET A 20 48.71 -37.17 -44.45
N ASP A 21 47.49 -37.69 -44.37
CA ASP A 21 46.76 -38.11 -45.58
C ASP A 21 46.32 -36.85 -46.36
N ASP A 22 45.93 -37.05 -47.60
CA ASP A 22 45.60 -35.90 -48.46
C ASP A 22 44.41 -35.15 -47.89
N ALA A 23 43.40 -35.85 -47.39
CA ALA A 23 42.21 -35.16 -46.89
C ALA A 23 42.54 -34.34 -45.70
N SER A 24 43.37 -34.89 -44.80
CA SER A 24 43.82 -34.10 -43.64
C SER A 24 44.73 -32.89 -43.97
N LYS A 25 45.64 -33.09 -44.92
CA LYS A 25 46.47 -32.02 -45.37
C LYS A 25 45.60 -30.86 -45.94
N ALA A 26 44.60 -31.21 -46.71
CA ALA A 26 43.65 -30.18 -47.28
C ALA A 26 42.87 -29.45 -46.20
N LYS A 27 42.45 -30.17 -45.17
CA LYS A 27 41.72 -29.53 -44.09
C LYS A 27 42.62 -28.61 -43.37
N MET A 28 43.88 -29.02 -43.17
CA MET A 28 44.76 -28.21 -42.43
C MET A 28 45.18 -26.94 -43.22
N GLU A 29 45.35 -27.12 -44.51
CA GLU A 29 45.70 -26.00 -45.41
C GLU A 29 44.60 -24.96 -45.40
N GLU A 30 43.38 -25.40 -45.32
CA GLU A 30 42.23 -24.46 -45.29
C GLU A 30 42.13 -23.76 -43.99
N LEU A 31 42.32 -24.45 -42.86
CA LEU A 31 42.35 -23.78 -41.56
C LEU A 31 43.49 -22.79 -41.51
N GLU A 32 44.64 -23.15 -42.07
CA GLU A 32 45.77 -22.24 -42.15
C GLU A 32 45.39 -20.99 -42.99
N ARG A 33 44.80 -21.20 -44.15
CA ARG A 33 44.32 -20.07 -45.00
C ARG A 33 43.40 -19.16 -44.21
N ARG A 34 42.46 -19.73 -43.50
CA ARG A 34 41.53 -18.96 -42.72
C ARG A 34 42.16 -18.21 -41.59
N PHE A 35 43.17 -18.82 -40.96
CA PHE A 35 43.84 -18.22 -39.87
C PHE A 35 44.58 -16.98 -40.36
N LYS A 36 45.26 -17.11 -41.47
CA LYS A 36 46.07 -16.01 -42.05
C LYS A 36 45.16 -14.83 -42.43
N MET A 37 44.01 -15.15 -42.98
CA MET A 37 42.95 -14.12 -43.21
C MET A 37 42.52 -13.34 -41.99
N ALA A 38 42.24 -14.00 -40.87
CA ALA A 38 41.92 -13.38 -39.59
C ALA A 38 43.07 -12.62 -39.00
N ASP A 39 44.27 -13.07 -39.31
CA ASP A 39 45.48 -12.39 -38.82
C ASP A 39 45.76 -11.29 -39.82
N VAL A 40 45.00 -10.20 -39.67
CA VAL A 40 44.94 -9.13 -40.66
C VAL A 40 46.28 -8.48 -40.89
N ASP A 41 47.02 -8.24 -39.81
CA ASP A 41 48.28 -7.51 -39.98
C ASP A 41 49.39 -8.42 -40.47
N GLY A 42 49.09 -9.71 -40.57
CA GLY A 42 50.01 -10.68 -41.14
C GLY A 42 51.09 -10.97 -40.14
N ASN A 43 50.87 -10.68 -38.87
CA ASN A 43 51.96 -10.79 -37.92
C ASN A 43 52.11 -12.16 -37.33
N GLY A 44 51.47 -13.17 -37.91
CA GLY A 44 51.61 -14.53 -37.39
C GLY A 44 50.66 -14.94 -36.28
N HIS A 45 49.82 -14.06 -35.72
CA HIS A 45 48.83 -14.47 -34.69
C HIS A 45 47.58 -13.56 -34.57
N ILE A 46 46.54 -14.00 -33.83
CA ILE A 46 45.24 -13.23 -33.70
C ILE A 46 45.10 -12.53 -32.34
N ASP A 47 45.34 -11.22 -32.28
CA ASP A 47 45.14 -10.52 -31.02
C ASP A 47 43.67 -10.21 -30.74
N ARG A 48 43.44 -9.59 -29.58
CA ARG A 48 42.13 -9.37 -29.02
C ARG A 48 41.29 -8.53 -29.98
N GLU A 49 41.89 -7.47 -30.51
CA GLU A 49 41.17 -6.62 -31.44
C GLU A 49 40.96 -7.27 -32.85
N GLU A 50 41.82 -8.19 -33.34
CA GLU A 50 41.58 -8.95 -34.55
C GLU A 50 40.52 -10.00 -34.35
N LEU A 51 40.49 -10.53 -33.11
CA LEU A 51 39.46 -11.48 -32.76
C LEU A 51 38.06 -10.77 -32.65
N ARG A 52 37.98 -9.51 -32.20
CA ARG A 52 36.73 -8.72 -32.12
C ARG A 52 36.15 -8.75 -33.56
N ASN A 53 36.97 -8.45 -34.61
CA ASN A 53 36.35 -8.41 -35.94
C ASN A 53 35.98 -9.76 -36.47
N LEU A 54 36.77 -10.79 -36.13
CA LEU A 54 36.51 -12.15 -36.51
C LEU A 54 35.19 -12.65 -35.92
N LEU A 55 34.92 -12.24 -34.66
CA LEU A 55 33.59 -12.53 -34.07
C LEU A 55 32.48 -11.63 -34.62
N GLU A 56 32.74 -10.42 -35.04
CA GLU A 56 31.71 -9.59 -35.66
C GLU A 56 31.39 -10.10 -37.14
N SER A 57 32.11 -11.10 -37.70
CA SER A 57 31.99 -11.40 -39.18
C SER A 57 30.84 -12.29 -39.60
N MET A 58 30.50 -12.22 -40.92
CA MET A 58 29.54 -13.11 -41.49
C MET A 58 30.25 -14.09 -42.53
N GLU A 59 29.49 -15.06 -43.01
CA GLU A 59 29.86 -16.07 -44.04
C GLU A 59 31.15 -16.74 -43.59
N SER A 60 31.15 -17.28 -42.36
CA SER A 60 32.33 -18.06 -41.86
C SER A 60 33.65 -17.33 -41.99
N GLY A 61 33.65 -16.07 -41.56
CA GLY A 61 34.79 -15.23 -41.46
C GLY A 61 35.22 -14.53 -42.78
N GLU A 62 34.38 -14.62 -43.78
CA GLU A 62 34.73 -14.13 -45.12
C GLU A 62 34.21 -12.71 -45.37
N VAL A 63 33.33 -12.22 -44.53
CA VAL A 63 32.80 -10.82 -44.70
C VAL A 63 32.84 -10.12 -43.34
N TYR A 64 33.62 -9.04 -43.25
CA TYR A 64 33.75 -8.25 -42.02
C TYR A 64 32.84 -7.05 -42.15
N MET A 65 32.09 -6.84 -41.10
CA MET A 65 31.19 -5.66 -41.02
C MET A 65 31.99 -4.62 -40.19
N MET A 66 32.51 -3.64 -40.88
CA MET A 66 33.37 -2.63 -40.42
C MET A 66 32.64 -1.27 -40.42
N SER A 67 31.31 -1.17 -40.54
CA SER A 67 30.63 0.16 -40.35
C SER A 67 30.84 0.71 -38.96
N GLN A 68 30.78 -0.20 -38.00
CA GLN A 68 30.89 0.12 -36.55
C GLN A 68 30.75 -1.20 -35.88
N HIS A 69 31.16 -1.25 -34.61
CA HIS A 69 31.21 -2.51 -33.87
C HIS A 69 29.81 -2.80 -33.41
N TRP A 70 29.50 -4.09 -33.49
CA TRP A 70 28.20 -4.51 -32.84
C TRP A 70 28.31 -5.43 -31.64
N LEU A 71 29.46 -6.08 -31.43
CA LEU A 71 29.61 -7.09 -30.32
C LEU A 71 29.80 -6.39 -28.91
N PRO A 72 28.99 -6.75 -27.90
CA PRO A 72 29.29 -6.26 -26.53
C PRO A 72 30.61 -6.81 -25.90
N GLU A 73 31.28 -5.95 -25.11
CA GLU A 73 32.66 -6.24 -24.66
C GLU A 73 32.72 -7.55 -23.87
N ASP A 74 31.70 -7.72 -23.02
CA ASP A 74 31.47 -8.99 -22.32
C ASP A 74 31.75 -10.18 -23.24
N GLU A 75 31.21 -10.12 -24.45
CA GLU A 75 31.28 -11.26 -25.37
C GLU A 75 32.73 -11.60 -25.77
N LEU A 76 33.51 -10.56 -26.02
CA LEU A 76 34.90 -10.79 -26.45
C LEU A 76 35.71 -11.40 -25.32
N GLU A 77 35.50 -10.81 -24.13
CA GLU A 77 36.18 -11.27 -22.91
C GLU A 77 35.75 -12.70 -22.64
N ARG A 78 34.44 -12.93 -22.63
CA ARG A 78 33.89 -14.31 -22.64
C ARG A 78 34.69 -15.24 -23.60
N CYS A 79 34.83 -14.83 -24.87
CA CYS A 79 35.57 -15.67 -25.82
C CYS A 79 37.04 -15.88 -25.49
N MET A 80 37.77 -14.82 -25.14
CA MET A 80 39.23 -15.00 -24.82
C MET A 80 39.38 -15.92 -23.60
N GLU A 81 38.48 -15.77 -22.61
CA GLU A 81 38.52 -16.59 -21.38
C GLU A 81 38.64 -18.06 -21.74
N GLN A 82 37.70 -18.53 -22.56
CA GLN A 82 37.70 -19.93 -23.01
C GLN A 82 38.82 -20.40 -23.96
N TYR A 83 39.07 -19.69 -25.06
CA TYR A 83 39.95 -20.26 -26.12
C TYR A 83 41.41 -19.96 -26.00
N ASP A 84 41.75 -18.99 -25.14
CA ASP A 84 43.15 -18.65 -24.81
C ASP A 84 43.59 -19.55 -23.63
N VAL A 85 44.09 -20.75 -23.92
CA VAL A 85 44.23 -21.80 -22.89
C VAL A 85 45.52 -21.61 -22.10
N ASN A 86 46.61 -21.22 -22.78
CA ASN A 86 47.86 -20.88 -22.09
C ASN A 86 47.89 -19.49 -21.43
N LYS A 87 46.92 -18.63 -21.77
CA LYS A 87 46.75 -17.33 -21.08
C LYS A 87 47.83 -16.28 -21.42
N ASP A 88 48.28 -16.23 -22.68
CA ASP A 88 49.20 -15.18 -23.18
C ASP A 88 48.48 -14.01 -23.95
N GLY A 89 47.22 -13.74 -23.59
CA GLY A 89 46.36 -12.72 -24.25
C GLY A 89 46.20 -12.72 -25.77
N VAL A 90 46.59 -13.79 -26.46
CA VAL A 90 46.46 -13.82 -27.88
C VAL A 90 46.02 -15.21 -28.36
N ILE A 91 45.43 -15.28 -29.57
CA ILE A 91 44.95 -16.56 -30.09
C ILE A 91 45.92 -17.11 -31.11
N SER A 92 46.45 -18.29 -30.80
CA SER A 92 47.36 -18.99 -31.70
C SER A 92 46.54 -19.77 -32.68
N PHE A 93 47.21 -20.27 -33.71
CA PHE A 93 46.60 -21.21 -34.66
C PHE A 93 45.88 -22.41 -34.00
N GLU A 94 46.48 -23.00 -32.94
CA GLU A 94 45.87 -24.19 -32.36
C GLU A 94 44.64 -23.77 -31.62
N GLU A 95 44.69 -22.58 -31.01
CA GLU A 95 43.55 -22.12 -30.27
C GLU A 95 42.42 -21.72 -31.23
N PHE A 96 42.81 -21.20 -32.38
CA PHE A 96 41.87 -20.78 -33.44
C PHE A 96 41.06 -21.94 -33.97
N LYS A 97 41.71 -23.10 -34.09
CA LYS A 97 40.97 -24.31 -34.54
C LYS A 97 39.81 -24.62 -33.65
N GLN A 98 40.02 -24.49 -32.35
CA GLN A 98 38.92 -24.76 -31.43
C GLN A 98 37.76 -23.79 -31.59
N ILE A 99 38.05 -22.51 -31.87
CA ILE A 99 36.98 -21.55 -32.16
C ILE A 99 36.16 -22.04 -33.38
N ILE A 100 36.85 -22.48 -34.43
CA ILE A 100 36.21 -22.93 -35.66
C ILE A 100 35.38 -24.19 -35.33
N TYR A 101 36.01 -25.15 -34.67
CA TYR A 101 35.32 -26.43 -34.39
C TYR A 101 34.09 -26.28 -33.58
N ASP A 102 34.11 -25.34 -32.66
CA ASP A 102 33.01 -25.13 -31.76
C ASP A 102 31.93 -24.35 -32.39
N GLY A 103 32.10 -23.87 -33.63
CA GLY A 103 30.99 -23.22 -34.33
C GLY A 103 30.63 -21.80 -34.02
N LEU A 104 31.59 -21.07 -33.46
CA LEU A 104 31.42 -19.73 -33.07
C LEU A 104 31.17 -18.74 -34.21
N LEU A 105 31.66 -19.04 -35.40
CA LEU A 105 31.52 -18.01 -36.45
C LEU A 105 30.10 -18.13 -37.02
N LEU A 106 29.45 -17.03 -37.29
CA LEU A 106 28.21 -17.00 -38.07
C LEU A 106 28.43 -17.56 -39.49
N GLU A 107 27.67 -18.58 -39.86
CA GLU A 107 27.81 -19.19 -41.18
C GLU A 107 27.05 -18.47 -42.28
N GLY A 108 25.96 -17.78 -41.90
CA GLY A 108 25.07 -17.18 -42.90
C GLY A 108 25.53 -15.85 -43.45
N THR A 109 24.78 -15.36 -44.42
CA THR A 109 25.01 -14.07 -44.95
C THR A 109 24.20 -13.00 -44.15
N LEU A 110 24.67 -11.78 -44.20
CA LEU A 110 23.97 -10.64 -43.54
C LEU A 110 22.50 -10.66 -44.00
N ALA A 111 22.27 -10.81 -45.29
CA ALA A 111 20.86 -10.88 -45.77
C ALA A 111 20.02 -12.01 -45.21
N GLU A 112 20.61 -13.18 -44.99
CA GLU A 112 19.86 -14.26 -44.42
C GLU A 112 19.46 -13.91 -42.98
N TYR A 113 20.40 -13.33 -42.24
CA TYR A 113 20.06 -12.95 -40.81
C TYR A 113 19.07 -11.83 -40.77
N GLU A 114 19.15 -10.85 -41.67
CA GLU A 114 18.17 -9.82 -41.74
C GLU A 114 16.79 -10.38 -42.08
N SER A 115 16.68 -11.29 -43.06
CA SER A 115 15.39 -11.93 -43.40
C SER A 115 14.79 -12.72 -42.26
N ALA A 116 15.65 -13.42 -41.53
CA ALA A 116 15.21 -14.21 -40.40
C ALA A 116 14.67 -13.22 -39.30
N PHE A 117 15.35 -12.12 -39.07
CA PHE A 117 14.92 -11.20 -38.01
C PHE A 117 13.57 -10.63 -38.34
N LYS A 118 13.41 -10.23 -39.58
CA LYS A 118 12.14 -9.67 -40.07
C LYS A 118 10.97 -10.68 -39.98
N ALA A 119 11.22 -11.92 -40.30
CA ALA A 119 10.25 -12.99 -40.12
C ALA A 119 9.77 -13.16 -38.65
N VAL A 120 10.68 -13.09 -37.71
CA VAL A 120 10.37 -13.24 -36.31
C VAL A 120 9.66 -12.01 -35.74
N ASP A 121 10.04 -10.84 -36.27
CA ASP A 121 9.42 -9.57 -35.86
C ASP A 121 8.12 -9.42 -36.54
N LYS A 122 7.11 -10.06 -35.97
CA LYS A 122 5.80 -10.05 -36.61
C LYS A 122 5.16 -8.71 -36.56
N SER A 123 5.43 -7.90 -35.53
CA SER A 123 4.79 -6.54 -35.45
C SER A 123 5.37 -5.61 -36.54
N GLY A 124 6.57 -5.91 -37.01
CA GLY A 124 7.26 -5.12 -38.05
C GLY A 124 7.84 -3.80 -37.59
N ASN A 125 7.84 -3.54 -36.29
CA ASN A 125 8.47 -2.38 -35.70
C ASN A 125 10.00 -2.31 -35.68
N GLY A 126 10.68 -3.43 -35.96
CA GLY A 126 12.10 -3.48 -36.07
C GLY A 126 12.83 -4.05 -34.88
N THR A 127 12.04 -4.53 -33.90
CA THR A 127 12.62 -5.21 -32.70
C THR A 127 11.77 -6.38 -32.31
N ILE A 128 12.39 -7.39 -31.72
CA ILE A 128 11.68 -8.66 -31.35
C ILE A 128 11.32 -8.68 -29.87
N GLY A 129 10.04 -8.74 -29.54
CA GLY A 129 9.64 -8.82 -28.14
C GLY A 129 9.41 -10.21 -27.69
N ALA A 130 9.20 -10.35 -26.40
CA ALA A 130 9.08 -11.71 -25.82
C ALA A 130 7.88 -12.44 -26.37
N THR A 131 6.78 -11.69 -26.63
CA THR A 131 5.61 -12.26 -27.17
C THR A 131 5.95 -12.85 -28.54
N GLU A 132 6.71 -12.11 -29.38
CA GLU A 132 7.20 -12.64 -30.65
C GLU A 132 8.05 -13.86 -30.56
N LEU A 133 8.98 -13.89 -29.58
CA LEU A 133 9.77 -15.04 -29.34
C LEU A 133 8.90 -16.17 -28.99
N SER A 134 7.90 -15.96 -28.14
CA SER A 134 7.01 -17.07 -27.74
C SER A 134 6.33 -17.68 -28.96
N LYS A 135 5.84 -16.84 -29.85
CA LYS A 135 5.16 -17.31 -31.03
C LYS A 135 6.10 -18.09 -31.90
N LEU A 136 7.37 -17.66 -32.04
CA LEU A 136 8.34 -18.36 -32.87
C LEU A 136 8.55 -19.81 -32.36
N PHE A 137 8.78 -19.92 -31.07
CA PHE A 137 9.02 -21.24 -30.42
C PHE A 137 7.73 -22.06 -30.56
N ALA A 138 6.58 -21.51 -30.21
CA ALA A 138 5.32 -22.29 -30.29
C ALA A 138 4.99 -22.75 -31.67
N SER A 139 5.20 -21.86 -32.65
CA SER A 139 4.92 -22.14 -34.06
C SER A 139 5.79 -23.24 -34.61
N LEU A 140 7.04 -23.30 -34.18
CA LEU A 140 7.91 -24.37 -34.49
C LEU A 140 7.78 -25.59 -33.56
N GLY A 141 6.72 -25.68 -32.77
CA GLY A 141 6.44 -26.96 -32.03
C GLY A 141 7.24 -27.17 -30.76
N ASN A 142 7.79 -26.07 -30.25
CA ASN A 142 8.53 -26.13 -29.01
C ASN A 142 8.09 -24.99 -28.13
N PRO A 143 6.81 -25.00 -27.72
CA PRO A 143 6.29 -23.87 -26.94
C PRO A 143 7.08 -23.76 -25.64
N VAL A 144 7.30 -22.56 -25.18
CA VAL A 144 8.08 -22.32 -23.99
C VAL A 144 7.22 -21.67 -22.95
N SER A 145 7.56 -21.94 -21.72
CA SER A 145 6.87 -21.38 -20.59
C SER A 145 7.27 -19.91 -20.44
N LEU A 146 6.46 -19.12 -19.70
CA LEU A 146 6.89 -17.78 -19.44
C LEU A 146 8.20 -17.69 -18.65
N GLU A 147 8.44 -18.65 -17.72
CA GLU A 147 9.65 -18.69 -16.96
C GLU A 147 10.86 -18.93 -17.90
N LYS A 148 10.71 -19.79 -18.87
CA LYS A 148 11.76 -19.97 -19.80
C LYS A 148 11.95 -18.72 -20.70
N LEU A 149 10.85 -18.01 -21.02
CA LEU A 149 11.02 -16.75 -21.81
C LEU A 149 11.84 -15.78 -21.00
N VAL A 150 11.65 -15.75 -19.65
CA VAL A 150 12.46 -14.92 -18.77
C VAL A 150 13.95 -15.29 -18.97
N ASP A 151 14.21 -16.56 -18.97
CA ASP A 151 15.59 -17.02 -19.12
C ASP A 151 16.18 -16.58 -20.47
N LEU A 152 15.39 -16.72 -21.53
CA LEU A 152 15.87 -16.28 -22.88
C LEU A 152 16.15 -14.80 -22.90
N MET A 153 15.27 -14.01 -22.30
CA MET A 153 15.53 -12.56 -22.22
C MET A 153 16.70 -12.20 -21.38
N GLN A 154 16.94 -12.89 -20.28
CA GLN A 154 18.08 -12.59 -19.43
C GLN A 154 19.39 -12.94 -20.18
N MET A 155 19.31 -13.99 -20.98
CA MET A 155 20.53 -14.49 -21.68
C MET A 155 20.79 -13.66 -22.95
N TYR A 156 19.79 -13.09 -23.64
CA TYR A 156 19.99 -12.41 -24.86
C TYR A 156 19.69 -10.93 -24.93
N ASP A 157 18.77 -10.47 -24.05
CA ASP A 157 18.51 -9.06 -23.95
C ASP A 157 19.54 -8.43 -23.00
N LYS A 158 20.76 -8.29 -23.52
CA LYS A 158 21.87 -7.94 -22.68
C LYS A 158 21.89 -6.48 -22.31
N ASP A 159 21.18 -5.60 -23.02
CA ASP A 159 21.13 -4.21 -22.63
C ASP A 159 19.85 -3.83 -21.84
N ASP A 160 19.08 -4.85 -21.46
CA ASP A 160 17.86 -4.61 -20.68
C ASP A 160 16.94 -3.61 -21.34
N SER A 161 16.82 -3.68 -22.65
CA SER A 161 15.84 -2.89 -23.41
C SER A 161 14.41 -3.42 -23.38
N GLY A 162 14.29 -4.69 -22.99
CA GLY A 162 13.07 -5.43 -23.07
C GLY A 162 12.72 -5.90 -24.45
N GLN A 163 13.64 -5.77 -25.42
CA GLN A 163 13.48 -6.29 -26.75
C GLN A 163 14.78 -6.93 -27.19
N ILE A 164 14.63 -7.82 -28.14
CA ILE A 164 15.84 -8.38 -28.84
C ILE A 164 16.07 -7.54 -30.08
N GLU A 165 17.14 -6.77 -30.04
CA GLU A 165 17.54 -6.00 -31.25
C GLU A 165 18.41 -6.95 -32.13
N PHE A 166 18.59 -6.51 -33.36
CA PHE A 166 19.42 -7.30 -34.30
C PHE A 166 20.71 -7.88 -33.78
N PRO A 167 21.58 -7.11 -33.19
CA PRO A 167 22.84 -7.71 -32.68
C PRO A 167 22.70 -8.74 -31.64
N GLU A 168 21.65 -8.65 -30.81
CA GLU A 168 21.37 -9.68 -29.91
C GLU A 168 20.80 -10.94 -30.54
N PHE A 169 19.95 -10.77 -31.56
CA PHE A 169 19.45 -11.91 -32.38
C PHE A 169 20.58 -12.67 -32.94
N LEU A 170 21.62 -12.01 -33.46
CA LEU A 170 22.79 -12.72 -33.95
C LEU A 170 23.39 -13.69 -32.95
N LEU A 171 23.45 -13.34 -31.66
CA LEU A 171 24.06 -14.19 -30.69
C LEU A 171 23.21 -15.45 -30.51
N MET A 172 21.94 -15.40 -30.79
CA MET A 172 21.08 -16.63 -30.76
C MET A 172 21.56 -17.64 -31.78
N PHE A 173 22.05 -17.15 -32.91
CA PHE A 173 22.64 -18.09 -33.91
C PHE A 173 24.05 -18.53 -33.53
N ARG A 174 24.90 -17.63 -33.03
CA ARG A 174 26.23 -17.92 -32.62
C ARG A 174 26.10 -19.07 -31.62
N ASN A 175 25.17 -19.00 -30.65
CA ASN A 175 25.08 -19.98 -29.56
C ASN A 175 24.23 -21.23 -29.90
N SER A 176 23.76 -21.31 -31.13
CA SER A 176 22.87 -22.42 -31.59
C SER A 176 21.53 -22.52 -30.89
N LEU A 177 21.04 -21.45 -30.32
CA LEU A 177 19.65 -21.45 -29.85
C LEU A 177 18.74 -21.59 -31.07
N LEU A 178 19.11 -20.88 -32.16
CA LEU A 178 18.32 -20.90 -33.38
C LEU A 178 19.25 -21.29 -34.51
N ASP A 179 18.66 -21.84 -35.59
CA ASP A 179 19.38 -22.26 -36.80
C ASP A 179 18.65 -21.67 -37.97
N LEU A 180 19.38 -21.26 -38.99
CA LEU A 180 18.72 -20.67 -40.15
C LEU A 180 17.66 -21.65 -40.82
N LYS A 181 17.73 -22.98 -40.60
CA LYS A 181 16.57 -23.86 -40.98
C LYS A 181 15.28 -23.63 -40.17
N ASP A 182 15.34 -23.32 -38.88
CA ASP A 182 14.14 -23.01 -38.13
C ASP A 182 13.46 -21.84 -38.81
N MET A 183 14.30 -20.90 -39.28
CA MET A 183 13.79 -19.70 -39.83
C MET A 183 13.04 -19.97 -41.16
N THR A 184 13.62 -20.80 -41.98
CA THR A 184 13.01 -21.11 -43.29
C THR A 184 11.65 -21.75 -43.09
N THR A 185 11.56 -22.60 -42.04
CA THR A 185 10.35 -23.26 -41.64
C THR A 185 9.36 -22.26 -41.12
N TYR A 186 9.80 -21.35 -40.27
CA TYR A 186 8.87 -20.34 -39.74
C TYR A 186 8.29 -19.47 -40.89
N MET A 187 9.14 -19.10 -41.87
CA MET A 187 8.70 -18.28 -43.02
C MET A 187 7.54 -18.98 -43.80
N THR A 188 7.73 -20.28 -44.03
CA THR A 188 6.67 -21.16 -44.59
C THR A 188 5.34 -21.04 -43.82
N LEU A 189 5.40 -21.08 -42.50
CA LEU A 189 4.23 -20.84 -41.66
C LEU A 189 4.02 -19.33 -41.69
N GLY A 195 -1.16 -8.48 -42.72
CA GLY A 195 -0.88 -7.07 -42.42
C GLY A 195 -0.14 -6.99 -41.11
N SER A 196 0.49 -5.87 -40.81
CA SER A 196 1.27 -5.77 -39.54
C SER A 196 0.85 -4.54 -38.80
N SER A 197 1.01 -4.60 -37.49
CA SER A 197 0.61 -3.52 -36.71
C SER A 197 1.58 -2.39 -36.60
N GLY A 198 2.89 -2.64 -36.67
CA GLY A 198 3.89 -1.68 -36.26
C GLY A 198 4.09 -1.39 -34.76
N SER A 199 3.42 -2.18 -33.92
CA SER A 199 3.41 -1.96 -32.47
C SER A 199 4.69 -2.50 -31.80
N LEU A 200 4.97 -1.98 -30.67
CA LEU A 200 5.97 -2.57 -29.80
C LEU A 200 5.51 -3.94 -29.22
N VAL A 201 4.25 -4.00 -28.82
CA VAL A 201 3.62 -5.22 -28.34
C VAL A 201 2.17 -5.31 -28.71
N ASP A 202 1.76 -6.48 -29.19
CA ASP A 202 0.38 -6.77 -29.48
C ASP A 202 -0.05 -7.93 -28.58
N ALA A 203 -0.95 -7.61 -27.69
CA ALA A 203 -1.52 -8.58 -26.80
C ALA A 203 -2.35 -9.59 -27.63
N VAL A 204 -2.59 -10.73 -27.07
CA VAL A 204 -3.42 -11.79 -27.64
C VAL A 204 -4.68 -11.79 -26.76
N GLU A 205 -5.86 -11.63 -27.34
CA GLU A 205 -7.06 -11.49 -26.56
C GLU A 205 -7.26 -12.80 -25.82
N GLY A 206 -7.57 -12.65 -24.56
CA GLY A 206 -7.85 -13.80 -23.73
C GLY A 206 -6.64 -14.36 -23.05
N ASP A 207 -5.46 -13.80 -23.32
CA ASP A 207 -4.25 -14.36 -22.74
C ASP A 207 -3.51 -13.24 -22.01
N MET A 208 -2.83 -13.54 -20.92
CA MET A 208 -1.94 -12.55 -20.28
C MET A 208 -0.76 -12.23 -21.22
N THR A 209 -0.23 -11.01 -21.09
CA THR A 209 0.95 -10.57 -21.88
C THR A 209 2.17 -10.51 -20.92
N LEU A 210 3.23 -11.25 -21.18
CA LEU A 210 4.51 -11.10 -20.45
C LEU A 210 5.32 -9.98 -20.99
N ILE A 211 5.71 -9.06 -20.13
CA ILE A 211 6.47 -7.88 -20.53
C ILE A 211 7.79 -7.77 -19.84
N PHE A 212 8.69 -7.03 -20.51
CA PHE A 212 10.05 -6.82 -20.07
C PHE A 212 10.49 -5.38 -19.99
N SER A 213 9.54 -4.48 -20.17
CA SER A 213 9.87 -3.06 -20.18
C SER A 213 8.68 -2.26 -19.72
N GLU A 214 8.99 -1.06 -19.26
CA GLU A 214 7.94 -0.10 -18.94
C GLU A 214 7.24 0.39 -20.20
N GLU A 215 7.94 0.47 -21.34
CA GLU A 215 7.35 0.90 -22.58
C GLU A 215 6.26 -0.08 -23.01
N GLU A 216 6.43 -1.37 -22.76
CA GLU A 216 5.41 -2.32 -23.11
C GLU A 216 4.20 -2.18 -22.19
N LEU A 217 4.46 -2.03 -20.91
CA LEU A 217 3.39 -1.77 -19.88
C LEU A 217 2.53 -0.57 -20.33
N ASP A 218 3.16 0.54 -20.67
CA ASP A 218 2.44 1.73 -21.01
C ASP A 218 1.66 1.56 -22.27
N ALA A 219 2.21 0.83 -23.25
CA ALA A 219 1.51 0.55 -24.49
C ALA A 219 0.25 -0.26 -24.30
N LEU A 220 0.31 -1.28 -23.45
CA LEU A 220 -0.80 -2.05 -23.14
C LEU A 220 -1.90 -1.30 -22.38
N ILE A 221 -1.51 -0.40 -21.51
CA ILE A 221 -2.45 0.44 -20.84
C ILE A 221 -3.13 1.34 -21.89
N SER A 222 -2.33 2.01 -22.74
CA SER A 222 -2.90 2.94 -23.79
C SER A 222 -3.76 2.24 -24.75
N ALA A 223 -3.44 1.00 -25.03
CA ALA A 223 -4.28 0.23 -25.97
C ALA A 223 -5.59 -0.29 -25.44
N ASN A 224 -5.84 -0.15 -24.14
CA ASN A 224 -6.98 -0.74 -23.46
C ASN A 224 -7.68 0.24 -22.57
N PRO A 225 -8.04 1.41 -23.16
CA PRO A 225 -8.54 2.51 -22.34
C PRO A 225 -9.79 2.15 -21.55
N ASP A 226 -10.61 1.27 -22.11
CA ASP A 226 -11.89 0.95 -21.51
C ASP A 226 -11.92 -0.38 -20.74
N LYS A 227 -10.74 -0.95 -20.43
CA LYS A 227 -10.65 -2.17 -19.62
C LYS A 227 -9.68 -1.87 -18.48
N LEU A 228 -9.86 -2.64 -17.44
CA LEU A 228 -8.95 -2.71 -16.34
C LEU A 228 -7.71 -3.49 -16.77
N VAL A 229 -6.58 -3.06 -16.27
CA VAL A 229 -5.29 -3.72 -16.61
C VAL A 229 -4.83 -4.23 -15.27
N VAL A 230 -4.67 -5.51 -15.14
CA VAL A 230 -4.19 -6.14 -13.96
C VAL A 230 -2.75 -6.55 -14.12
N VAL A 231 -1.89 -5.97 -13.32
CA VAL A 231 -0.48 -6.35 -13.30
C VAL A 231 -0.24 -7.50 -12.33
N PHE A 232 0.22 -8.67 -12.83
CA PHE A 232 0.55 -9.86 -12.05
C PHE A 232 2.08 -9.79 -11.87
N GLY A 233 2.48 -9.40 -10.65
CA GLY A 233 3.92 -9.39 -10.31
C GLY A 233 4.26 -10.65 -9.63
N ALA A 234 5.34 -11.24 -10.23
CA ALA A 234 5.88 -12.52 -9.76
C ALA A 234 7.42 -12.33 -9.69
N LEU A 235 8.02 -13.33 -9.08
CA LEU A 235 9.44 -13.56 -9.08
C LEU A 235 9.73 -14.94 -9.55
N THR A 236 10.92 -15.13 -10.15
CA THR A 236 11.16 -16.42 -10.76
C THR A 236 11.32 -17.60 -9.82
N TRP A 237 11.65 -17.36 -8.56
CA TRP A 237 11.83 -18.42 -7.58
C TRP A 237 10.69 -18.55 -6.56
N CYS A 238 9.67 -17.68 -6.72
CA CYS A 238 8.57 -17.63 -5.79
C CYS A 238 7.64 -18.79 -6.07
N ARG A 239 7.52 -19.73 -5.17
CA ARG A 239 6.59 -20.81 -5.30
C ARG A 239 5.09 -20.49 -5.32
N PRO A 240 4.60 -19.70 -4.34
CA PRO A 240 3.19 -19.30 -4.44
C PRO A 240 2.86 -18.63 -5.75
N CYS A 241 3.79 -17.86 -6.34
CA CYS A 241 3.55 -17.30 -7.69
C CYS A 241 3.20 -18.35 -8.70
N LYS A 242 3.90 -19.47 -8.68
CA LYS A 242 3.70 -20.50 -9.65
C LYS A 242 2.34 -21.07 -9.56
N GLY A 243 1.83 -21.18 -8.34
CA GLY A 243 0.48 -21.65 -8.10
C GLY A 243 -0.65 -20.79 -8.64
N MET A 244 -0.36 -19.52 -8.87
CA MET A 244 -1.34 -18.58 -9.35
C MET A 244 -1.35 -18.48 -10.87
N GLN A 245 -0.38 -19.06 -11.56
CA GLN A 245 -0.28 -18.90 -13.02
C GLN A 245 -1.49 -19.51 -13.76
N ARG A 246 -1.83 -20.74 -13.43
CA ARG A 246 -2.99 -21.34 -14.06
C ARG A 246 -4.31 -20.59 -13.73
N PRO A 247 -4.53 -20.23 -12.46
CA PRO A 247 -5.68 -19.42 -12.15
C PRO A 247 -5.74 -18.21 -13.00
N VAL A 248 -4.60 -17.45 -13.09
CA VAL A 248 -4.67 -16.23 -13.86
C VAL A 248 -4.96 -16.46 -15.37
N GLN A 249 -4.44 -17.54 -15.98
CA GLN A 249 -4.77 -17.88 -17.31
C GLN A 249 -6.28 -18.07 -17.45
N LYS A 250 -6.93 -18.70 -16.48
CA LYS A 250 -8.39 -18.92 -16.60
C LYS A 250 -9.11 -17.62 -16.44
N LEU A 251 -8.65 -16.78 -15.51
CA LEU A 251 -9.32 -15.43 -15.33
C LEU A 251 -9.12 -14.54 -16.54
N ALA A 252 -7.98 -14.65 -17.18
CA ALA A 252 -7.72 -13.86 -18.42
C ALA A 252 -8.62 -14.20 -19.56
N GLU A 253 -8.99 -15.45 -19.66
CA GLU A 253 -9.99 -15.85 -20.66
C GLU A 253 -11.39 -15.43 -20.26
N HIS A 254 -11.77 -15.74 -19.03
CA HIS A 254 -13.13 -15.49 -18.55
C HIS A 254 -13.50 -14.06 -18.53
N TYR A 255 -12.52 -13.21 -18.15
CA TYR A 255 -12.76 -11.77 -17.95
C TYR A 255 -12.26 -10.93 -19.14
N LYS A 256 -12.04 -11.55 -20.32
CA LYS A 256 -11.43 -10.81 -21.44
C LYS A 256 -12.19 -9.59 -21.90
N ASP A 257 -13.48 -9.54 -21.66
CA ASP A 257 -14.19 -8.36 -22.10
C ASP A 257 -13.99 -7.18 -21.21
N HIS A 258 -13.44 -7.42 -20.01
CA HIS A 258 -13.33 -6.44 -18.97
C HIS A 258 -11.93 -6.08 -18.51
N ILE A 259 -11.03 -7.03 -18.65
CA ILE A 259 -9.73 -7.02 -17.93
C ILE A 259 -8.72 -7.57 -18.87
N VAL A 260 -7.60 -6.87 -19.03
CA VAL A 260 -6.37 -7.47 -19.61
C VAL A 260 -5.31 -7.67 -18.50
N PHE A 261 -4.62 -8.78 -18.59
CA PHE A 261 -3.61 -9.11 -17.58
C PHE A 261 -2.25 -8.97 -18.22
N VAL A 262 -1.35 -8.44 -17.41
CA VAL A 262 0.01 -8.13 -17.84
C VAL A 262 0.94 -8.65 -16.79
N LYS A 263 1.81 -9.57 -17.13
CA LYS A 263 2.64 -10.29 -16.17
C LYS A 263 4.04 -9.74 -16.26
N LEU A 264 4.69 -9.54 -15.14
CA LEU A 264 6.05 -9.22 -15.15
C LEU A 264 6.70 -9.93 -13.94
N PHE A 265 7.92 -10.38 -14.23
CA PHE A 265 8.79 -10.93 -13.21
C PHE A 265 9.73 -9.83 -12.79
N GLY A 266 9.64 -9.47 -11.51
CA GLY A 266 10.34 -8.26 -11.01
C GLY A 266 11.84 -8.33 -11.21
N ASN A 267 12.35 -9.52 -11.02
CA ASN A 267 13.80 -9.75 -11.15
C ASN A 267 14.33 -9.97 -12.56
N ALA A 268 13.46 -9.77 -13.60
CA ALA A 268 13.88 -10.12 -14.98
C ALA A 268 15.04 -9.24 -15.41
N ASN A 269 14.92 -7.93 -15.21
CA ASN A 269 15.94 -7.01 -15.74
C ASN A 269 15.94 -5.68 -14.97
N LYS A 270 16.72 -4.69 -15.39
CA LYS A 270 16.79 -3.44 -14.67
C LYS A 270 15.47 -2.71 -14.66
N GLN A 271 14.71 -2.85 -15.72
CA GLN A 271 13.48 -2.10 -15.90
C GLN A 271 12.41 -2.71 -15.00
N THR A 272 12.34 -4.05 -15.04
CA THR A 272 11.33 -4.70 -14.22
C THR A 272 11.57 -4.52 -12.73
N LYS A 273 12.83 -4.47 -12.33
CA LYS A 273 13.19 -4.16 -10.96
C LYS A 273 12.70 -2.79 -10.56
N ARG A 274 12.85 -1.84 -11.44
CA ARG A 274 12.41 -0.48 -11.22
C ARG A 274 10.94 -0.33 -11.20
N ILE A 275 10.25 -1.05 -12.09
CA ILE A 275 8.81 -1.04 -12.05
C ILE A 275 8.35 -1.56 -10.67
N PHE A 276 8.90 -2.66 -10.20
CA PHE A 276 8.55 -3.22 -8.87
C PHE A 276 8.82 -2.24 -7.75
N LYS A 277 10.02 -1.68 -7.75
CA LYS A 277 10.44 -0.88 -6.58
C LYS A 277 9.88 0.55 -6.65
N GLU A 278 9.98 1.22 -7.77
CA GLU A 278 9.60 2.61 -7.86
C GLU A 278 8.19 2.91 -8.30
N ARG A 279 7.68 2.17 -9.29
CA ARG A 279 6.36 2.47 -9.77
C ARG A 279 5.26 1.91 -8.88
N PHE A 280 5.40 0.65 -8.52
CA PHE A 280 4.33 -0.01 -7.75
C PHE A 280 4.65 -0.32 -6.31
N GLN A 281 5.90 -0.26 -5.93
CA GLN A 281 6.34 -0.54 -4.58
C GLN A 281 5.90 -1.89 -4.07
N ILE A 282 6.11 -2.92 -4.91
CA ILE A 282 5.70 -4.22 -4.56
C ILE A 282 6.55 -4.89 -3.49
N ARG A 283 5.92 -5.32 -2.39
CA ARG A 283 6.66 -5.80 -1.22
C ARG A 283 6.55 -7.31 -1.01
N SER A 284 5.50 -7.93 -1.55
CA SER A 284 5.28 -9.39 -1.46
C SER A 284 4.75 -9.83 -2.81
N THR A 285 5.04 -11.08 -3.14
CA THR A 285 4.55 -11.70 -4.39
C THR A 285 3.91 -13.02 -4.09
N PRO A 286 2.99 -13.50 -4.92
CA PRO A 286 2.43 -12.75 -6.03
C PRO A 286 1.65 -11.47 -5.66
N CYS A 287 1.71 -10.51 -6.54
CA CYS A 287 1.04 -9.19 -6.29
C CYS A 287 0.12 -9.04 -7.50
N PHE A 288 -1.13 -8.57 -7.29
CA PHE A 288 -2.08 -8.20 -8.32
C PHE A 288 -2.49 -6.75 -8.21
N ILE A 289 -2.07 -5.95 -9.12
CA ILE A 289 -2.37 -4.45 -9.00
C ILE A 289 -3.31 -4.16 -10.17
N THR A 290 -4.54 -3.69 -9.87
CA THR A 290 -5.53 -3.39 -10.89
C THR A 290 -5.41 -1.92 -11.22
N LEU A 291 -5.26 -1.60 -12.50
CA LEU A 291 -5.11 -0.23 -13.00
C LEU A 291 -6.36 0.16 -13.75
N ARG A 292 -6.89 1.31 -13.42
CA ARG A 292 -8.01 1.91 -14.20
C ARG A 292 -7.47 3.18 -14.78
N LYS A 293 -7.60 3.31 -16.08
CA LYS A 293 -6.98 4.40 -16.80
C LYS A 293 -5.52 4.59 -16.34
N GLY A 294 -4.76 3.49 -16.16
CA GLY A 294 -3.37 3.44 -15.72
C GLY A 294 -2.99 3.66 -14.25
N GLU A 295 -4.01 3.91 -13.43
CA GLU A 295 -3.81 4.28 -11.98
C GLU A 295 -4.18 3.05 -11.11
N PRO A 296 -3.35 2.64 -10.13
CA PRO A 296 -3.73 1.56 -9.23
C PRO A 296 -4.98 1.91 -8.50
N VAL A 297 -5.97 1.04 -8.57
CA VAL A 297 -7.16 1.19 -7.77
C VAL A 297 -7.47 0.03 -6.82
N TYR A 298 -6.84 -1.14 -7.00
CA TYR A 298 -7.14 -2.27 -6.21
C TYR A 298 -5.92 -3.14 -6.19
N THR A 299 -5.43 -3.45 -5.03
CA THR A 299 -4.22 -4.29 -4.88
C THR A 299 -4.50 -5.44 -3.96
N GLN A 300 -4.07 -6.67 -4.37
CA GLN A 300 -4.12 -7.83 -3.58
C GLN A 300 -2.88 -8.64 -3.68
N THR A 301 -2.45 -9.18 -2.58
CA THR A 301 -1.26 -10.04 -2.59
C THR A 301 -1.61 -11.37 -2.10
N GLY A 302 -0.77 -12.29 -2.55
CA GLY A 302 -0.93 -13.70 -2.12
C GLY A 302 -1.74 -14.64 -3.00
N SER A 303 -2.13 -15.79 -2.44
CA SER A 303 -2.61 -16.95 -3.20
C SER A 303 -4.05 -17.22 -3.01
N ASN A 304 -4.81 -16.25 -2.50
CA ASN A 304 -6.20 -16.50 -2.31
C ASN A 304 -6.97 -16.14 -3.58
N LYS A 305 -7.33 -17.19 -4.36
CA LYS A 305 -7.98 -17.03 -5.65
C LYS A 305 -9.35 -16.51 -5.52
N GLU A 306 -10.09 -16.98 -4.49
CA GLU A 306 -11.43 -16.52 -4.26
C GLU A 306 -11.50 -15.07 -3.97
N LYS A 307 -10.59 -14.62 -3.10
CA LYS A 307 -10.47 -13.21 -2.77
C LYS A 307 -10.05 -12.37 -3.95
N LEU A 308 -9.11 -12.85 -4.77
CA LEU A 308 -8.69 -12.09 -5.96
C LEU A 308 -9.86 -11.86 -6.91
N GLU A 309 -10.49 -12.97 -7.26
CA GLU A 309 -11.63 -12.87 -8.23
C GLU A 309 -12.80 -12.06 -7.69
N ALA A 310 -13.11 -12.19 -6.40
CA ALA A 310 -14.22 -11.37 -5.85
C ALA A 310 -13.87 -9.92 -5.92
N GLY A 311 -12.64 -9.59 -5.59
CA GLY A 311 -12.19 -8.25 -5.72
C GLY A 311 -12.22 -7.65 -7.11
N LEU A 312 -11.75 -8.36 -8.14
CA LEU A 312 -11.84 -7.94 -9.49
C LEU A 312 -13.30 -7.73 -9.92
N ARG A 313 -14.15 -8.70 -9.57
CA ARG A 313 -15.57 -8.65 -9.92
C ARG A 313 -16.30 -7.43 -9.37
N SER A 314 -15.83 -6.98 -8.22
CA SER A 314 -16.46 -5.86 -7.50
C SER A 314 -16.17 -4.58 -8.27
N LEU A 315 -15.22 -4.60 -9.22
CA LEU A 315 -14.91 -3.43 -10.04
C LEU A 315 -15.63 -3.35 -11.38
N ILE A 316 -16.48 -4.33 -11.63
CA ILE A 316 -17.07 -4.53 -12.95
C ILE A 316 -18.58 -4.39 -12.78
N ALA A 317 -19.19 -3.54 -13.62
CA ALA A 317 -20.67 -3.35 -13.56
C ALA A 317 -21.46 -4.59 -13.86
N ASN A 318 -21.07 -5.22 -14.95
CA ASN A 318 -21.77 -6.36 -15.51
C ASN A 318 -20.85 -7.49 -15.81
N PRO A 319 -20.48 -8.20 -14.72
CA PRO A 319 -19.44 -9.20 -14.93
C PRO A 319 -19.93 -10.43 -15.61
N PRO A 320 -19.03 -11.24 -16.11
CA PRO A 320 -19.49 -12.45 -16.76
C PRO A 320 -20.25 -13.30 -15.77
N VAL A 321 -21.11 -14.15 -16.35
CA VAL A 321 -21.81 -15.05 -15.51
C VAL A 321 -20.90 -16.22 -15.19
N GLY A 322 -21.04 -16.40 -13.94
CA GLY A 322 -20.36 -17.38 -13.21
C GLY A 322 -18.99 -16.88 -12.78
N MET A 323 -18.57 -17.42 -11.68
CA MET A 323 -17.23 -17.26 -11.14
C MET A 323 -16.38 -18.41 -11.53
N ILE A 324 -15.09 -18.21 -11.66
CA ILE A 324 -14.15 -19.35 -11.73
C ILE A 324 -13.83 -19.94 -10.32
N TYR A 325 -13.69 -19.02 -9.34
CA TYR A 325 -13.30 -19.39 -7.94
C TYR A 325 -14.38 -18.82 -7.04
N PRO A 326 -15.62 -19.40 -6.98
CA PRO A 326 -16.70 -18.90 -6.11
C PRO A 326 -16.36 -19.07 -4.66
N SER A 327 -16.88 -18.21 -3.87
CA SER A 327 -16.88 -18.48 -2.44
C SER A 327 -18.22 -18.23 -1.93
N ALA A 328 -18.59 -18.88 -0.81
CA ALA A 328 -19.99 -18.73 -0.32
C ALA A 328 -20.30 -17.29 -0.19
N GLU A 329 -19.42 -16.54 0.45
CA GLU A 329 -19.70 -15.11 0.57
C GLU A 329 -19.91 -14.32 -0.74
N ALA A 330 -19.21 -14.68 -1.81
CA ALA A 330 -19.25 -13.92 -3.05
C ALA A 330 -20.54 -14.20 -3.86
N LEU A 331 -21.41 -15.14 -3.42
CA LEU A 331 -22.63 -15.50 -4.17
C LEU A 331 -23.83 -14.71 -3.63
N ALA A 332 -24.51 -13.94 -4.50
CA ALA A 332 -25.75 -13.24 -4.14
C ALA A 332 -26.75 -14.26 -3.54
N ALA A 333 -27.33 -13.88 -2.39
CA ALA A 333 -28.54 -14.56 -1.82
C ALA A 333 -29.70 -14.54 -2.82
N LEU A 334 -30.60 -15.53 -2.72
CA LEU A 334 -31.80 -15.61 -3.61
C LEU A 334 -32.58 -14.32 -3.38
N GLN A 335 -32.71 -13.54 -4.47
CA GLN A 335 -33.42 -12.24 -4.47
C GLN A 335 -34.02 -11.94 -5.89
N GLY B 18 -13.15 38.11 65.40
CA GLY B 18 -13.51 39.05 66.56
C GLY B 18 -14.16 40.32 66.04
N LEU B 19 -13.46 40.97 65.11
CA LEU B 19 -14.00 42.15 64.37
C LEU B 19 -14.61 41.89 62.99
N MET B 20 -14.79 40.65 62.55
CA MET B 20 -15.53 40.36 61.31
C MET B 20 -16.99 40.69 61.53
N ASP B 21 -17.77 41.07 60.50
CA ASP B 21 -19.14 41.29 60.67
C ASP B 21 -19.84 39.92 60.87
N ASP B 22 -21.14 39.98 61.18
CA ASP B 22 -21.84 38.74 61.55
C ASP B 22 -21.90 37.77 60.37
N ALA B 23 -22.17 38.28 59.20
CA ALA B 23 -22.31 37.46 58.03
C ALA B 23 -21.00 36.79 57.71
N SER B 24 -19.89 37.53 57.78
CA SER B 24 -18.60 36.89 57.52
C SER B 24 -18.18 35.89 58.59
N LYS B 25 -18.54 36.16 59.85
CA LYS B 25 -18.25 35.30 60.93
C LYS B 25 -19.00 33.94 60.72
N ALA B 26 -20.26 34.04 60.30
CA ALA B 26 -21.10 32.84 60.02
C ALA B 26 -20.50 32.07 58.89
N LYS B 27 -20.06 32.74 57.85
CA LYS B 27 -19.41 32.04 56.80
C LYS B 27 -18.12 31.32 57.21
N MET B 28 -17.25 32.01 57.96
CA MET B 28 -16.06 31.42 58.47
C MET B 28 -16.34 30.20 59.40
N GLU B 29 -17.38 30.30 60.21
CA GLU B 29 -17.69 29.21 61.23
C GLU B 29 -18.14 27.99 60.46
N GLU B 30 -18.86 28.23 59.39
CA GLU B 30 -19.26 27.13 58.47
C GLU B 30 -18.07 26.51 57.81
N LEU B 31 -17.13 27.28 57.25
CA LEU B 31 -15.92 26.72 56.70
C LEU B 31 -15.12 25.93 57.75
N GLU B 32 -15.12 26.43 58.98
CA GLU B 32 -14.36 25.69 60.01
C GLU B 32 -15.07 24.36 60.30
N ARG B 33 -16.38 24.37 60.33
CA ARG B 33 -17.19 23.13 60.56
C ARG B 33 -16.85 22.11 59.50
N ARG B 34 -16.89 22.57 58.26
CA ARG B 34 -16.51 21.74 57.14
C ARG B 34 -15.08 21.23 57.18
N PHE B 35 -14.11 22.05 57.60
CA PHE B 35 -12.70 21.63 57.69
C PHE B 35 -12.58 20.54 58.75
N LYS B 36 -13.25 20.72 59.89
CA LYS B 36 -13.20 19.76 61.03
C LYS B 36 -13.78 18.41 60.56
N MET B 37 -14.86 18.48 59.80
CA MET B 37 -15.41 17.24 59.25
C MET B 37 -14.44 16.54 58.37
N ALA B 38 -13.73 17.29 57.53
CA ALA B 38 -12.81 16.72 56.60
C ALA B 38 -11.54 16.19 57.27
N ASP B 39 -11.25 16.70 58.45
CA ASP B 39 -10.19 16.20 59.34
C ASP B 39 -10.71 14.98 60.07
N VAL B 40 -10.62 13.87 59.39
CA VAL B 40 -11.28 12.66 59.84
C VAL B 40 -10.75 12.16 61.17
N ASP B 41 -9.45 12.37 61.38
CA ASP B 41 -8.80 11.80 62.60
C ASP B 41 -8.76 12.82 63.72
N GLY B 42 -9.42 13.93 63.52
CA GLY B 42 -9.57 14.94 64.56
C GLY B 42 -8.25 15.56 64.99
N ASN B 43 -7.20 15.51 64.17
CA ASN B 43 -5.88 15.98 64.63
C ASN B 43 -5.47 17.41 64.27
N GLY B 44 -6.42 18.26 63.86
CA GLY B 44 -6.06 19.65 63.53
C GLY B 44 -5.63 19.95 62.10
N HIS B 45 -5.49 18.95 61.24
CA HIS B 45 -5.14 19.26 59.85
C HIS B 45 -5.53 18.18 58.84
N ILE B 46 -5.51 18.56 57.55
CA ILE B 46 -5.84 17.65 56.45
C ILE B 46 -4.61 17.13 55.77
N ASP B 47 -4.29 15.88 56.09
CA ASP B 47 -3.22 15.21 55.37
C ASP B 47 -3.58 14.72 53.96
N ARG B 48 -2.60 14.18 53.28
CA ARG B 48 -2.71 13.79 51.90
C ARG B 48 -3.85 12.73 51.67
N GLU B 49 -4.05 11.79 52.57
CA GLU B 49 -5.20 10.84 52.39
C GLU B 49 -6.58 11.41 52.75
N GLU B 50 -6.64 12.24 53.81
CA GLU B 50 -7.87 12.93 54.13
C GLU B 50 -8.24 13.78 52.93
N LEU B 51 -7.19 14.31 52.25
CA LEU B 51 -7.42 15.21 51.12
C LEU B 51 -7.98 14.44 49.94
N ARG B 52 -7.43 13.30 49.70
CA ARG B 52 -7.87 12.46 48.57
C ARG B 52 -9.35 12.20 48.74
N ASN B 53 -9.74 11.72 49.96
CA ASN B 53 -11.18 11.45 50.19
C ASN B 53 -12.03 12.64 50.00
N LEU B 54 -11.61 13.83 50.45
CA LEU B 54 -12.37 15.03 50.32
C LEU B 54 -12.50 15.41 48.86
N LEU B 55 -11.37 15.42 48.18
CA LEU B 55 -11.39 15.85 46.75
C LEU B 55 -12.32 15.05 45.87
N GLU B 56 -12.50 13.80 46.27
CA GLU B 56 -13.36 12.85 45.64
C GLU B 56 -14.80 12.70 46.11
N SER B 57 -15.17 13.50 47.08
CA SER B 57 -16.44 13.34 47.76
C SER B 57 -17.51 13.84 46.86
N MET B 58 -18.78 13.60 47.21
CA MET B 58 -19.93 14.13 46.56
C MET B 58 -20.62 15.07 47.58
N GLU B 59 -21.54 15.90 47.08
CA GLU B 59 -22.45 16.75 47.89
C GLU B 59 -21.61 17.72 48.70
N SER B 60 -20.64 18.37 48.04
CA SER B 60 -19.80 19.37 48.78
C SER B 60 -19.15 18.83 50.05
N GLY B 61 -18.47 17.70 49.91
CA GLY B 61 -17.72 17.07 50.99
C GLY B 61 -18.59 16.32 52.03
N GLU B 62 -19.90 16.18 51.78
CA GLU B 62 -20.88 15.60 52.76
C GLU B 62 -20.98 14.08 52.60
N VAL B 63 -20.56 13.49 51.45
CA VAL B 63 -20.66 12.02 51.26
C VAL B 63 -19.33 11.49 50.69
N TYR B 64 -18.66 10.59 51.40
CA TYR B 64 -17.47 9.96 50.86
C TYR B 64 -17.80 8.59 50.31
N MET B 65 -17.38 8.35 49.06
CA MET B 65 -17.44 7.00 48.51
C MET B 65 -16.11 6.32 48.83
N MET B 66 -16.12 5.47 49.80
CA MET B 66 -14.83 5.10 50.40
C MET B 66 -13.86 4.18 49.58
N SER B 67 -14.44 3.42 48.63
CA SER B 67 -13.72 2.31 47.85
C SER B 67 -13.39 2.74 46.43
N GLN B 68 -13.84 3.95 46.10
CA GLN B 68 -13.94 4.49 44.74
C GLN B 68 -12.94 5.63 44.73
N HIS B 69 -11.99 5.62 43.77
CA HIS B 69 -11.00 6.64 43.68
C HIS B 69 -10.83 7.26 42.27
N TRP B 70 -11.52 8.34 42.01
CA TRP B 70 -11.55 8.90 40.65
C TRP B 70 -10.53 9.95 40.42
N LEU B 71 -9.97 10.52 41.48
CA LEU B 71 -9.12 11.67 41.29
C LEU B 71 -7.82 11.10 40.70
N PRO B 72 -7.26 11.73 39.62
CA PRO B 72 -5.92 11.32 39.19
C PRO B 72 -4.87 11.54 40.29
N GLU B 73 -4.00 10.54 40.55
CA GLU B 73 -2.84 10.69 41.52
C GLU B 73 -2.06 11.95 41.19
N ASP B 74 -1.95 12.27 39.88
CA ASP B 74 -1.36 13.54 39.43
C ASP B 74 -2.17 14.71 39.93
N GLU B 75 -3.50 14.52 39.98
CA GLU B 75 -4.41 15.57 40.49
C GLU B 75 -4.24 15.67 41.98
N LEU B 76 -4.22 14.51 42.65
CA LEU B 76 -3.83 14.51 44.09
C LEU B 76 -2.53 15.31 44.30
N GLU B 77 -1.53 14.99 43.49
CA GLU B 77 -0.22 15.67 43.60
C GLU B 77 -0.31 17.16 43.25
N ARG B 78 -0.96 17.47 42.14
CA ARG B 78 -1.18 18.87 41.71
C ARG B 78 -1.88 19.74 42.73
N CYS B 79 -2.91 19.14 43.30
CA CYS B 79 -3.71 19.82 44.24
C CYS B 79 -2.84 20.16 45.44
N MET B 80 -2.06 19.17 45.86
CA MET B 80 -1.09 19.38 46.90
C MET B 80 -0.06 20.45 46.50
N GLU B 81 0.32 20.48 45.22
CA GLU B 81 1.31 21.45 44.72
C GLU B 81 0.84 22.90 44.58
N GLN B 82 -0.47 23.14 44.67
CA GLN B 82 -1.05 24.49 44.64
C GLN B 82 -1.56 24.99 45.96
N TYR B 83 -2.11 24.11 46.79
CA TYR B 83 -2.79 24.59 47.95
C TYR B 83 -1.98 24.55 49.25
N ASP B 84 -0.91 23.75 49.31
CA ASP B 84 -0.11 23.74 50.54
C ASP B 84 0.88 24.94 50.54
N VAL B 85 0.36 26.14 50.84
CA VAL B 85 1.16 27.39 50.81
C VAL B 85 2.50 27.13 51.52
N ASN B 86 2.43 26.85 52.82
CA ASN B 86 3.61 26.72 53.68
C ASN B 86 4.41 25.44 53.57
N LYS B 87 4.14 24.65 52.54
CA LYS B 87 4.94 23.48 52.13
C LYS B 87 5.25 22.36 53.16
N ASP B 88 4.39 22.21 54.17
CA ASP B 88 4.56 21.16 55.17
C ASP B 88 3.87 19.78 54.84
N GLY B 89 3.31 19.62 53.64
CA GLY B 89 2.73 18.32 53.22
C GLY B 89 1.32 18.04 53.73
N VAL B 90 0.69 19.06 54.27
CA VAL B 90 -0.62 18.93 54.89
C VAL B 90 -1.41 20.20 54.58
N ILE B 91 -2.73 20.17 54.80
CA ILE B 91 -3.60 21.33 54.56
C ILE B 91 -4.17 21.90 55.84
N SER B 92 -3.84 23.18 56.13
CA SER B 92 -4.37 23.87 57.27
C SER B 92 -5.69 24.46 56.94
N PHE B 93 -6.37 25.01 57.94
CA PHE B 93 -7.62 25.67 57.69
C PHE B 93 -7.55 26.76 56.60
N GLU B 94 -6.44 27.50 56.52
CA GLU B 94 -6.31 28.59 55.53
C GLU B 94 -6.22 28.07 54.12
N GLU B 95 -5.53 26.94 53.93
CA GLU B 95 -5.31 26.44 52.61
C GLU B 95 -6.52 25.64 52.12
N PHE B 96 -7.24 25.04 53.07
CA PHE B 96 -8.57 24.44 52.82
C PHE B 96 -9.54 25.40 52.16
N LYS B 97 -9.65 26.60 52.71
CA LYS B 97 -10.54 27.63 52.14
C LYS B 97 -10.32 27.86 50.66
N GLN B 98 -9.07 27.83 50.22
CA GLN B 98 -8.81 28.06 48.84
C GLN B 98 -9.38 26.92 47.99
N ILE B 99 -9.19 25.67 48.42
CA ILE B 99 -9.74 24.51 47.68
C ILE B 99 -11.24 24.69 47.54
N ILE B 100 -11.89 25.12 48.61
CA ILE B 100 -13.33 25.36 48.62
C ILE B 100 -13.65 26.48 47.66
N TYR B 101 -12.93 27.58 47.82
CA TYR B 101 -13.26 28.80 47.06
C TYR B 101 -13.07 28.51 45.55
N ASP B 102 -12.11 27.68 45.16
CA ASP B 102 -11.90 27.28 43.75
C ASP B 102 -12.85 26.26 43.12
N GLY B 103 -13.80 25.74 43.90
CA GLY B 103 -14.81 24.84 43.41
C GLY B 103 -14.34 23.46 43.10
N LEU B 104 -13.35 22.97 43.83
CA LEU B 104 -12.79 21.72 43.49
C LEU B 104 -13.73 20.62 43.94
N LEU B 105 -14.66 20.88 44.84
CA LEU B 105 -15.48 19.74 45.27
C LEU B 105 -16.67 19.61 44.36
N LEU B 106 -17.04 18.38 44.09
CA LEU B 106 -18.27 18.07 43.38
C LEU B 106 -19.48 18.42 44.24
N GLU B 107 -20.35 19.26 43.70
CA GLU B 107 -21.51 19.81 44.39
C GLU B 107 -22.71 18.83 44.36
N GLY B 108 -22.77 17.96 43.35
CA GLY B 108 -23.92 17.09 43.19
C GLY B 108 -23.94 15.82 43.93
N THR B 109 -25.08 15.13 43.80
CA THR B 109 -25.17 13.82 44.39
C THR B 109 -24.64 12.72 43.50
N LEU B 110 -24.26 11.57 44.06
CA LEU B 110 -23.85 10.44 43.19
C LEU B 110 -24.92 10.17 42.13
N ALA B 111 -26.16 10.13 42.59
CA ALA B 111 -27.25 9.83 41.65
C ALA B 111 -27.37 10.84 40.51
N GLU B 112 -27.16 12.12 40.78
CA GLU B 112 -27.17 13.16 39.81
C GLU B 112 -26.08 12.93 38.77
N TYR B 113 -24.90 12.56 39.25
CA TYR B 113 -23.82 12.34 38.26
C TYR B 113 -24.11 11.09 37.40
N GLU B 114 -24.58 10.03 38.02
CA GLU B 114 -24.94 8.79 37.31
C GLU B 114 -26.04 9.08 36.30
N SER B 115 -27.07 9.82 36.67
CA SER B 115 -28.12 10.22 35.70
C SER B 115 -27.55 11.01 34.50
N ALA B 116 -26.67 11.95 34.78
CA ALA B 116 -26.04 12.78 33.75
C ALA B 116 -25.23 11.85 32.84
N PHE B 117 -24.50 10.90 33.41
CA PHE B 117 -23.64 9.99 32.61
C PHE B 117 -24.48 9.16 31.66
N LYS B 118 -25.57 8.57 32.16
CA LYS B 118 -26.50 7.85 31.33
C LYS B 118 -27.17 8.67 30.25
N ALA B 119 -27.49 9.91 30.51
CA ALA B 119 -28.06 10.84 29.52
C ALA B 119 -27.10 11.10 28.38
N VAL B 120 -25.81 11.22 28.68
CA VAL B 120 -24.77 11.44 27.66
C VAL B 120 -24.47 10.16 26.90
N ASP B 121 -24.57 9.05 27.58
CA ASP B 121 -24.27 7.77 26.97
C ASP B 121 -25.43 7.26 26.15
N LYS B 122 -25.57 7.81 24.94
CA LYS B 122 -26.75 7.46 24.13
C LYS B 122 -26.79 6.03 23.72
N SER B 123 -25.63 5.35 23.53
CA SER B 123 -25.63 3.93 23.11
C SER B 123 -26.09 3.02 24.26
N GLY B 124 -25.96 3.48 25.51
CA GLY B 124 -26.33 2.69 26.69
C GLY B 124 -25.38 1.60 27.10
N ASN B 125 -24.19 1.51 26.47
CA ASN B 125 -23.22 0.52 26.81
C ASN B 125 -22.49 0.71 28.16
N GLY B 126 -22.61 1.92 28.73
CA GLY B 126 -22.01 2.19 30.01
C GLY B 126 -20.72 2.96 29.89
N THR B 127 -20.37 3.39 28.65
CA THR B 127 -19.16 4.24 28.48
C THR B 127 -19.51 5.34 27.50
N ILE B 128 -18.84 6.51 27.60
CA ILE B 128 -19.08 7.66 26.70
C ILE B 128 -18.01 7.76 25.64
N GLY B 129 -18.45 7.74 24.39
CA GLY B 129 -17.53 7.80 23.29
C GLY B 129 -17.43 9.16 22.75
N ALA B 130 -16.46 9.38 21.92
CA ALA B 130 -16.25 10.77 21.28
C ALA B 130 -17.47 11.22 20.51
N THR B 131 -18.13 10.35 19.70
CA THR B 131 -19.35 10.61 19.03
C THR B 131 -20.41 11.12 20.00
N GLU B 132 -20.56 10.45 21.14
CA GLU B 132 -21.52 10.86 22.17
C GLU B 132 -21.14 12.19 22.74
N LEU B 133 -19.86 12.44 23.00
CA LEU B 133 -19.46 13.76 23.49
C LEU B 133 -19.80 14.83 22.47
N SER B 134 -19.55 14.59 21.22
CA SER B 134 -19.81 15.57 20.12
C SER B 134 -21.27 15.95 20.12
N LYS B 135 -22.12 14.94 20.30
CA LYS B 135 -23.57 15.14 20.27
C LYS B 135 -24.04 15.96 21.49
N LEU B 136 -23.44 15.75 22.67
CA LEU B 136 -23.74 16.54 23.89
C LEU B 136 -23.44 17.99 23.63
N PHE B 137 -22.21 18.28 23.13
CA PHE B 137 -21.83 19.69 22.98
C PHE B 137 -22.69 20.38 21.89
N ALA B 138 -23.01 19.67 20.81
CA ALA B 138 -23.89 20.18 19.75
C ALA B 138 -25.34 20.43 20.19
N SER B 139 -25.90 19.54 21.02
CA SER B 139 -27.27 19.70 21.62
C SER B 139 -27.37 20.90 22.49
N LEU B 140 -26.31 21.17 23.23
CA LEU B 140 -26.26 22.26 24.15
C LEU B 140 -25.88 23.59 23.43
N GLY B 141 -25.78 23.58 22.10
CA GLY B 141 -25.42 24.79 21.31
C GLY B 141 -24.00 25.27 21.30
N ASN B 142 -23.05 24.39 21.67
CA ASN B 142 -21.63 24.67 21.60
C ASN B 142 -20.87 23.55 20.81
N PRO B 143 -21.17 23.35 19.50
CA PRO B 143 -20.66 22.20 18.73
C PRO B 143 -19.14 22.33 18.70
N VAL B 144 -18.42 21.21 18.71
CA VAL B 144 -16.97 21.21 18.80
C VAL B 144 -16.44 20.60 17.48
N SER B 145 -15.31 21.10 17.09
CA SER B 145 -14.62 20.51 15.93
C SER B 145 -14.04 19.20 16.30
N LEU B 146 -13.64 18.41 15.28
CA LEU B 146 -13.01 17.14 15.62
C LEU B 146 -11.65 17.34 16.27
N GLU B 147 -10.94 18.42 15.94
CA GLU B 147 -9.64 18.74 16.58
C GLU B 147 -9.85 19.05 18.09
N LYS B 148 -10.87 19.77 18.45
CA LYS B 148 -11.14 20.05 19.84
C LYS B 148 -11.62 18.77 20.57
N LEU B 149 -12.35 17.88 19.84
CA LEU B 149 -12.68 16.57 20.38
C LEU B 149 -11.41 15.81 20.76
N VAL B 150 -10.36 15.87 19.91
CA VAL B 150 -9.09 15.26 20.26
C VAL B 150 -8.56 15.88 21.61
N ASP B 151 -8.62 17.18 21.72
CA ASP B 151 -8.11 17.85 22.92
C ASP B 151 -8.89 17.34 24.15
N LEU B 152 -10.21 17.28 24.03
CA LEU B 152 -11.06 16.81 25.17
C LEU B 152 -10.63 15.39 25.55
N MET B 153 -10.48 14.50 24.56
CA MET B 153 -10.04 13.13 24.86
C MET B 153 -8.69 13.05 25.45
N GLN B 154 -7.80 13.87 25.00
CA GLN B 154 -6.45 13.88 25.58
C GLN B 154 -6.49 14.36 27.04
N MET B 155 -7.30 15.30 27.34
CA MET B 155 -7.39 15.83 28.67
C MET B 155 -8.19 14.92 29.60
N TYR B 156 -9.18 14.18 29.14
CA TYR B 156 -10.02 13.44 30.02
C TYR B 156 -9.98 11.91 29.90
N ASP B 157 -9.60 11.38 28.73
CA ASP B 157 -9.49 9.93 28.58
C ASP B 157 -8.08 9.61 29.01
N LYS B 158 -7.84 9.68 30.34
CA LYS B 158 -6.51 9.55 30.84
C LYS B 158 -5.89 8.16 30.86
N ASP B 159 -6.66 7.12 30.65
CA ASP B 159 -6.19 5.77 30.47
C ASP B 159 -6.13 5.31 29.06
N ASP B 160 -6.34 6.22 28.11
CA ASP B 160 -6.28 5.86 26.68
C ASP B 160 -7.12 4.70 26.33
N SER B 161 -8.29 4.60 26.93
CA SER B 161 -9.25 3.57 26.56
C SER B 161 -10.08 3.86 25.33
N GLY B 162 -10.04 5.12 24.88
CA GLY B 162 -10.89 5.54 23.81
C GLY B 162 -12.27 5.90 24.21
N GLN B 163 -12.57 5.82 25.50
CA GLN B 163 -13.88 6.11 26.03
C GLN B 163 -13.71 6.89 27.33
N ILE B 164 -14.72 7.68 27.62
CA ILE B 164 -14.84 8.36 28.94
C ILE B 164 -15.68 7.46 29.85
N GLU B 165 -14.97 6.86 30.79
CA GLU B 165 -15.63 6.10 31.86
C GLU B 165 -16.11 7.08 32.96
N PHE B 166 -16.98 6.56 33.82
CA PHE B 166 -17.58 7.37 34.89
C PHE B 166 -16.59 8.18 35.71
N PRO B 167 -15.50 7.59 36.22
CA PRO B 167 -14.50 8.39 36.96
C PRO B 167 -13.88 9.52 36.20
N GLU B 168 -13.71 9.34 34.87
CA GLU B 168 -13.21 10.44 34.09
C GLU B 168 -14.22 11.49 33.86
N PHE B 169 -15.48 11.09 33.66
CA PHE B 169 -16.63 12.03 33.55
C PHE B 169 -16.71 12.94 34.74
N LEU B 170 -16.54 12.39 35.96
CA LEU B 170 -16.57 13.22 37.15
C LEU B 170 -15.55 14.34 37.06
N LEU B 171 -14.39 14.12 36.45
CA LEU B 171 -13.37 15.21 36.37
C LEU B 171 -13.85 16.35 35.49
N MET B 172 -14.68 16.09 34.50
CA MET B 172 -15.32 17.11 33.62
C MET B 172 -16.16 18.12 34.42
N PHE B 173 -16.80 17.58 35.50
CA PHE B 173 -17.55 18.47 36.45
C PHE B 173 -16.61 19.14 37.40
N ARG B 174 -15.63 18.43 37.94
CA ARG B 174 -14.65 19.06 38.81
C ARG B 174 -13.96 20.27 38.15
N ASN B 175 -13.65 20.15 36.85
CA ASN B 175 -13.01 21.21 36.11
C ASN B 175 -13.92 22.21 35.46
N SER B 176 -15.22 22.06 35.62
CA SER B 176 -16.27 22.94 35.05
C SER B 176 -16.34 22.90 33.56
N LEU B 177 -15.83 21.90 32.89
CA LEU B 177 -16.16 21.68 31.49
C LEU B 177 -17.66 21.51 31.30
N LEU B 178 -18.28 20.72 32.22
CA LEU B 178 -19.72 20.47 32.28
C LEU B 178 -20.21 20.84 33.68
N ASP B 179 -21.46 21.23 33.72
CA ASP B 179 -22.19 21.66 34.97
C ASP B 179 -23.55 20.93 34.98
N LEU B 180 -23.98 20.48 36.13
CA LEU B 180 -25.23 19.70 36.16
C LEU B 180 -26.46 20.48 35.60
N LYS B 181 -26.44 21.80 35.58
CA LYS B 181 -27.47 22.53 34.75
C LYS B 181 -27.51 22.14 33.23
N ASP B 182 -26.38 22.19 32.55
CA ASP B 182 -26.26 21.59 31.21
C ASP B 182 -26.97 20.21 31.13
N MET B 183 -26.69 19.33 32.11
CA MET B 183 -27.22 17.98 32.02
C MET B 183 -28.77 17.95 32.08
N THR B 184 -29.35 18.83 32.89
CA THR B 184 -30.80 18.99 33.00
C THR B 184 -31.34 19.41 31.67
N THR B 185 -30.69 20.43 31.09
CA THR B 185 -31.02 20.90 29.73
C THR B 185 -31.00 19.77 28.72
N TYR B 186 -29.87 19.07 28.64
CA TYR B 186 -29.72 17.90 27.73
C TYR B 186 -30.82 16.83 27.93
N MET B 187 -31.25 16.62 29.19
CA MET B 187 -32.30 15.62 29.49
C MET B 187 -33.67 16.08 28.96
N THR B 188 -33.90 17.40 28.94
CA THR B 188 -35.06 17.99 28.27
C THR B 188 -35.12 17.66 26.74
N LEU B 189 -33.97 17.42 26.09
CA LEU B 189 -33.87 17.52 24.62
C LEU B 189 -34.18 16.19 23.93
N GLY B 195 -35.15 4.13 22.05
CA GLY B 195 -34.39 2.86 21.94
C GLY B 195 -32.89 3.06 21.98
N SER B 196 -32.14 2.09 22.44
CA SER B 196 -30.70 2.20 22.36
C SER B 196 -30.10 0.97 21.76
N SER B 197 -28.87 1.10 21.30
CA SER B 197 -28.20 0.00 20.66
C SER B 197 -27.42 -0.92 21.51
N GLY B 198 -26.82 -0.40 22.60
CA GLY B 198 -25.80 -1.11 23.36
C GLY B 198 -24.42 -1.20 22.75
N SER B 199 -24.22 -0.50 21.62
CA SER B 199 -22.99 -0.53 20.92
C SER B 199 -21.92 0.32 21.61
N LEU B 200 -20.70 -0.03 21.33
CA LEU B 200 -19.54 0.80 21.64
C LEU B 200 -19.58 2.11 20.85
N VAL B 201 -19.97 1.99 19.61
CA VAL B 201 -20.05 3.22 18.75
C VAL B 201 -21.18 3.06 17.74
N ASP B 202 -22.00 4.06 17.66
CA ASP B 202 -22.98 4.16 16.61
C ASP B 202 -22.65 5.32 15.69
N ALA B 203 -22.39 4.94 14.50
CA ALA B 203 -22.09 5.94 13.47
C ALA B 203 -23.35 6.68 13.11
N VAL B 204 -23.16 7.86 12.56
CA VAL B 204 -24.25 8.72 11.99
C VAL B 204 -24.21 8.63 10.47
N GLU B 205 -25.36 8.30 9.88
CA GLU B 205 -25.52 8.07 8.49
C GLU B 205 -25.08 9.34 7.77
N GLY B 206 -24.18 9.14 6.85
CA GLY B 206 -23.67 10.20 6.01
C GLY B 206 -22.60 11.08 6.59
N ASP B 207 -22.09 10.74 7.79
CA ASP B 207 -21.06 11.54 8.39
C ASP B 207 -19.89 10.59 8.70
N MET B 208 -18.70 11.12 8.67
CA MET B 208 -17.53 10.36 9.16
C MET B 208 -17.69 10.16 10.66
N THR B 209 -17.07 9.08 11.15
CA THR B 209 -17.02 8.76 12.57
C THR B 209 -15.61 9.00 13.08
N LEU B 210 -15.41 9.88 14.05
CA LEU B 210 -14.06 10.02 14.68
C LEU B 210 -13.89 9.00 15.77
N ILE B 211 -12.83 8.19 15.74
CA ILE B 211 -12.58 7.16 16.73
C ILE B 211 -11.28 7.37 17.48
N PHE B 212 -11.23 6.71 18.65
CA PHE B 212 -10.09 6.79 19.54
C PHE B 212 -9.59 5.45 19.98
N SER B 213 -10.01 4.41 19.35
CA SER B 213 -9.62 3.08 19.80
C SER B 213 -9.73 2.11 18.61
N GLU B 214 -8.97 1.04 18.75
CA GLU B 214 -9.00 -0.04 17.77
C GLU B 214 -10.34 -0.79 17.88
N GLU B 215 -10.92 -0.90 19.07
CA GLU B 215 -12.20 -1.53 19.27
C GLU B 215 -13.29 -0.80 18.49
N GLU B 216 -13.26 0.53 18.46
CA GLU B 216 -14.25 1.23 17.66
C GLU B 216 -14.06 0.96 16.13
N LEU B 217 -12.83 1.00 15.66
CA LEU B 217 -12.55 0.70 14.24
C LEU B 217 -13.12 -0.67 13.87
N ASP B 218 -12.75 -1.63 14.69
CA ASP B 218 -13.21 -3.02 14.38
C ASP B 218 -14.71 -3.16 14.41
N ALA B 219 -15.38 -2.44 15.32
CA ALA B 219 -16.87 -2.46 15.38
C ALA B 219 -17.45 -1.90 14.14
N LEU B 220 -16.92 -0.78 13.69
CA LEU B 220 -17.44 -0.16 12.52
C LEU B 220 -17.23 -0.99 11.23
N ILE B 221 -16.13 -1.68 11.17
CA ILE B 221 -15.89 -2.62 10.04
C ILE B 221 -16.94 -3.73 10.13
N SER B 222 -17.13 -4.29 11.30
CA SER B 222 -18.10 -5.46 11.47
C SER B 222 -19.51 -5.05 11.24
N ALA B 223 -19.89 -3.83 11.58
CA ALA B 223 -21.22 -3.31 11.34
C ALA B 223 -21.57 -2.94 9.91
N ASN B 224 -20.61 -2.96 8.99
CA ASN B 224 -20.78 -2.47 7.64
C ASN B 224 -20.18 -3.43 6.70
N PRO B 225 -20.59 -4.72 6.84
CA PRO B 225 -19.99 -5.74 5.99
C PRO B 225 -20.14 -5.53 4.48
N ASP B 226 -21.17 -4.84 4.06
CA ASP B 226 -21.38 -4.63 2.62
C ASP B 226 -20.99 -3.27 2.07
N LYS B 227 -20.26 -2.50 2.92
CA LYS B 227 -19.73 -1.24 2.49
C LYS B 227 -18.20 -1.28 2.61
N LEU B 228 -17.62 -0.41 1.80
CA LEU B 228 -16.20 -0.03 1.92
C LEU B 228 -16.07 0.84 3.20
N VAL B 229 -14.96 0.67 3.92
CA VAL B 229 -14.64 1.49 5.11
C VAL B 229 -13.40 2.25 4.67
N VAL B 230 -13.44 3.60 4.63
CA VAL B 230 -12.30 4.37 4.37
C VAL B 230 -11.81 4.96 5.63
N VAL B 231 -10.55 4.62 5.96
CA VAL B 231 -9.87 5.22 7.10
C VAL B 231 -9.16 6.48 6.66
N PHE B 232 -9.51 7.63 7.29
CA PHE B 232 -8.93 8.92 7.04
C PHE B 232 -7.97 9.18 8.21
N GLY B 233 -6.70 8.95 7.93
CA GLY B 233 -5.66 9.29 8.90
C GLY B 233 -5.13 10.64 8.80
N ALA B 234 -5.20 11.36 9.96
CA ALA B 234 -4.79 12.74 10.04
C ALA B 234 -3.85 12.89 11.27
N LEU B 235 -3.21 14.04 11.34
CA LEU B 235 -2.46 14.49 12.53
C LEU B 235 -2.93 15.90 12.89
N THR B 236 -2.91 16.18 14.21
CA THR B 236 -3.48 17.49 14.67
C THR B 236 -2.76 18.74 14.14
N TRP B 237 -1.48 18.67 13.77
CA TRP B 237 -0.79 19.84 13.32
C TRP B 237 -0.62 19.86 11.78
N CYS B 238 -1.21 18.89 11.06
CA CYS B 238 -0.97 18.70 9.67
C CYS B 238 -1.85 19.61 8.91
N ARG B 239 -1.29 20.57 8.18
CA ARG B 239 -2.05 21.52 7.44
C ARG B 239 -2.87 20.94 6.26
N PRO B 240 -2.20 20.11 5.41
CA PRO B 240 -3.05 19.59 4.36
C PRO B 240 -4.16 18.70 4.81
N CYS B 241 -3.99 18.04 5.96
CA CYS B 241 -5.10 17.30 6.57
C CYS B 241 -6.30 18.20 6.74
N LYS B 242 -6.10 19.42 7.26
CA LYS B 242 -7.26 20.29 7.49
C LYS B 242 -7.99 20.56 6.20
N GLY B 243 -7.23 20.72 5.11
CA GLY B 243 -7.76 21.03 3.83
C GLY B 243 -8.65 19.93 3.25
N MET B 244 -8.46 18.72 3.72
CA MET B 244 -9.25 17.59 3.25
C MET B 244 -10.50 17.28 4.06
N GLN B 245 -10.71 17.92 5.20
CA GLN B 245 -11.82 17.62 6.07
C GLN B 245 -13.17 17.92 5.38
N ARG B 246 -13.27 19.11 4.80
CA ARG B 246 -14.54 19.45 4.17
C ARG B 246 -14.79 18.54 2.94
N PRO B 247 -13.79 18.26 2.12
CA PRO B 247 -14.00 17.35 1.03
C PRO B 247 -14.54 16.01 1.55
N VAL B 248 -13.90 15.42 2.56
CA VAL B 248 -14.33 14.14 3.09
C VAL B 248 -15.72 14.17 3.65
N GLN B 249 -16.13 15.29 4.29
CA GLN B 249 -17.49 15.47 4.70
C GLN B 249 -18.43 15.33 3.50
N LYS B 250 -18.10 15.99 2.40
CA LYS B 250 -19.01 15.95 1.23
C LYS B 250 -19.02 14.55 0.69
N LEU B 251 -17.85 13.89 0.59
CA LEU B 251 -17.87 12.51 0.07
C LEU B 251 -18.60 11.52 0.98
N ALA B 252 -18.54 11.73 2.30
CA ALA B 252 -19.25 10.91 3.28
C ALA B 252 -20.76 10.97 3.08
N GLU B 253 -21.24 12.13 2.71
CA GLU B 253 -22.72 12.24 2.44
C GLU B 253 -23.07 11.61 1.09
N HIS B 254 -22.31 11.95 0.09
CA HIS B 254 -22.65 11.57 -1.30
C HIS B 254 -22.56 10.10 -1.47
N TYR B 255 -21.55 9.46 -0.89
CA TYR B 255 -21.34 8.03 -0.99
C TYR B 255 -21.89 7.17 0.14
N LYS B 256 -22.81 7.71 0.91
CA LYS B 256 -23.32 7.02 2.15
C LYS B 256 -23.87 5.62 1.88
N ASP B 257 -24.44 5.38 0.71
CA ASP B 257 -24.92 3.98 0.45
C ASP B 257 -23.83 2.99 0.19
N HIS B 258 -22.58 3.40 0.04
CA HIS B 258 -21.54 2.55 -0.41
C HIS B 258 -20.31 2.53 0.48
N ILE B 259 -20.11 3.65 1.20
CA ILE B 259 -18.85 3.86 1.95
C ILE B 259 -19.16 4.43 3.32
N VAL B 260 -18.43 3.99 4.33
CA VAL B 260 -18.38 4.69 5.62
C VAL B 260 -16.96 5.17 5.83
N PHE B 261 -16.84 6.40 6.33
CA PHE B 261 -15.56 7.02 6.59
C PHE B 261 -15.34 7.02 8.05
N VAL B 262 -14.13 6.66 8.45
CA VAL B 262 -13.76 6.57 9.87
C VAL B 262 -12.47 7.36 10.00
N LYS B 263 -12.45 8.40 10.82
CA LYS B 263 -11.29 9.27 10.96
C LYS B 263 -10.60 8.95 12.28
N LEU B 264 -9.28 9.06 12.26
CA LEU B 264 -8.55 9.05 13.52
C LEU B 264 -7.36 9.99 13.32
N PHE B 265 -6.99 10.56 14.44
CA PHE B 265 -5.75 11.38 14.55
C PHE B 265 -4.65 10.57 15.15
N GLY B 266 -3.61 10.36 14.40
CA GLY B 266 -2.69 9.30 14.79
C GLY B 266 -2.06 9.57 16.17
N ASN B 267 -1.80 10.81 16.46
CA ASN B 267 -1.22 11.18 17.74
C ASN B 267 -2.19 11.42 18.90
N ALA B 268 -3.43 10.92 18.76
CA ALA B 268 -4.43 11.19 19.82
C ALA B 268 -4.06 10.46 21.06
N ASN B 269 -3.73 9.19 21.01
CA ASN B 269 -3.48 8.38 22.22
C ASN B 269 -2.61 7.17 21.85
N LYS B 270 -2.37 6.28 22.82
CA LYS B 270 -1.55 5.13 22.54
C LYS B 270 -2.12 4.21 21.46
N GLN B 271 -3.41 4.10 21.49
CA GLN B 271 -4.12 3.22 20.55
C GLN B 271 -4.05 3.75 19.14
N THR B 272 -4.30 5.04 18.94
CA THR B 272 -4.25 5.58 17.60
C THR B 272 -2.81 5.53 17.06
N LYS B 273 -1.84 5.74 17.93
CA LYS B 273 -0.43 5.67 17.53
C LYS B 273 -0.15 4.27 17.01
N ARG B 274 -0.64 3.25 17.70
CA ARG B 274 -0.40 1.86 17.33
C ARG B 274 -1.12 1.52 16.03
N ILE B 275 -2.36 2.03 15.84
CA ILE B 275 -3.02 1.84 14.60
C ILE B 275 -2.20 2.44 13.45
N PHE B 276 -1.72 3.66 13.58
CA PHE B 276 -0.87 4.28 12.60
C PHE B 276 0.43 3.49 12.26
N LYS B 277 1.12 3.07 13.32
CA LYS B 277 2.46 2.43 13.17
C LYS B 277 2.40 0.98 12.80
N GLU B 278 1.62 0.21 13.48
CA GLU B 278 1.57 -1.23 13.37
C GLU B 278 0.55 -1.71 12.41
N ARG B 279 -0.68 -1.17 12.46
CA ARG B 279 -1.74 -1.74 11.65
C ARG B 279 -1.69 -1.27 10.23
N PHE B 280 -1.53 0.01 10.00
CA PHE B 280 -1.53 0.54 8.62
C PHE B 280 -0.21 1.10 8.11
N GLN B 281 0.80 1.25 8.98
CA GLN B 281 2.04 1.83 8.59
C GLN B 281 1.92 3.07 7.83
N ILE B 282 1.17 4.04 8.40
CA ILE B 282 0.98 5.30 7.78
C ILE B 282 2.17 6.17 7.88
N ARG B 283 2.69 6.51 6.74
CA ARG B 283 3.91 7.34 6.66
C ARG B 283 3.73 8.79 6.30
N SER B 284 2.61 9.18 5.67
CA SER B 284 2.42 10.53 5.21
C SER B 284 0.91 10.76 5.47
N THR B 285 0.53 11.99 5.80
CA THR B 285 -0.86 12.38 6.03
C THR B 285 -1.15 13.57 5.18
N PRO B 286 -2.41 13.78 4.82
CA PRO B 286 -3.49 12.86 5.12
C PRO B 286 -3.38 11.57 4.34
N CYS B 287 -3.90 10.55 4.93
CA CYS B 287 -3.86 9.22 4.34
C CYS B 287 -5.29 8.72 4.27
N PHE B 288 -5.60 8.08 3.12
CA PHE B 288 -6.89 7.47 2.96
C PHE B 288 -6.73 5.97 2.63
N ILE B 289 -7.14 5.09 3.47
CA ILE B 289 -6.98 3.63 3.28
C ILE B 289 -8.38 3.09 3.12
N THR B 290 -8.65 2.46 1.97
CA THR B 290 -9.94 1.83 1.73
C THR B 290 -9.91 0.34 2.07
N LEU B 291 -10.79 -0.05 2.99
CA LEU B 291 -10.94 -1.43 3.45
C LEU B 291 -12.11 -2.03 2.75
N ARG B 292 -11.87 -3.20 2.11
CA ARG B 292 -12.89 -4.07 1.60
C ARG B 292 -12.86 -5.35 2.42
N LYS B 293 -13.99 -5.65 3.00
CA LYS B 293 -14.13 -6.74 3.99
C LYS B 293 -13.03 -6.68 5.05
N GLY B 294 -12.77 -5.48 5.57
CA GLY B 294 -11.77 -5.25 6.58
C GLY B 294 -10.29 -5.12 6.22
N GLU B 295 -9.93 -5.36 4.94
CA GLU B 295 -8.54 -5.38 4.49
C GLU B 295 -8.19 -4.29 3.51
N PRO B 296 -7.05 -3.63 3.67
CA PRO B 296 -6.69 -2.57 2.77
C PRO B 296 -6.57 -3.05 1.33
N VAL B 297 -7.26 -2.36 0.45
CA VAL B 297 -7.14 -2.59 -0.99
C VAL B 297 -6.68 -1.40 -1.83
N TYR B 298 -6.66 -0.17 -1.27
CA TYR B 298 -6.23 0.99 -1.98
C TYR B 298 -5.76 1.99 -0.92
N THR B 299 -4.71 2.71 -1.17
CA THR B 299 -4.16 3.73 -0.26
C THR B 299 -3.83 4.92 -1.06
N GLN B 300 -4.24 6.10 -0.60
N GLN B 300 -4.24 6.11 -0.62
CA GLN B 300 -3.86 7.31 -1.26
CA GLN B 300 -3.93 7.32 -1.31
C GLN B 300 -3.56 8.39 -0.26
C GLN B 300 -3.46 8.25 -0.20
N THR B 301 -2.47 9.10 -0.46
CA THR B 301 -2.07 10.18 0.46
C THR B 301 -2.14 11.50 -0.20
N GLY B 302 -2.34 12.54 0.57
CA GLY B 302 -2.30 13.86 0.03
C GLY B 302 -3.65 14.46 -0.31
N SER B 303 -3.60 15.54 -1.09
CA SER B 303 -4.70 16.50 -1.24
C SER B 303 -5.36 16.43 -2.65
N ASN B 304 -5.16 15.36 -3.41
CA ASN B 304 -5.72 15.29 -4.76
C ASN B 304 -7.14 14.69 -4.59
N LYS B 305 -8.08 15.63 -4.53
CA LYS B 305 -9.50 15.23 -4.35
C LYS B 305 -10.08 14.48 -5.51
N GLU B 306 -9.79 14.93 -6.73
CA GLU B 306 -10.17 14.19 -7.88
C GLU B 306 -9.71 12.78 -7.97
N LYS B 307 -8.42 12.55 -7.65
CA LYS B 307 -7.94 11.19 -7.63
C LYS B 307 -8.52 10.30 -6.55
N LEU B 308 -8.73 10.93 -5.37
CA LEU B 308 -9.37 10.24 -4.29
C LEU B 308 -10.72 9.71 -4.66
N GLU B 309 -11.55 10.64 -5.17
CA GLU B 309 -12.90 10.24 -5.49
C GLU B 309 -12.90 9.25 -6.67
N ALA B 310 -12.00 9.53 -7.64
CA ALA B 310 -11.93 8.60 -8.80
C ALA B 310 -11.64 7.18 -8.35
N GLY B 311 -10.72 7.10 -7.41
CA GLY B 311 -10.38 5.80 -6.84
C GLY B 311 -11.49 5.08 -6.12
N LEU B 312 -12.20 5.79 -5.22
CA LEU B 312 -13.30 5.26 -4.55
C LEU B 312 -14.47 4.86 -5.46
N ARG B 313 -14.77 5.73 -6.43
CA ARG B 313 -15.85 5.42 -7.30
C ARG B 313 -15.51 4.16 -8.19
N SER B 314 -14.20 3.96 -8.51
CA SER B 314 -13.66 2.77 -9.29
C SER B 314 -13.98 1.55 -8.50
N LEU B 315 -14.05 1.65 -7.15
CA LEU B 315 -14.35 0.47 -6.33
C LEU B 315 -15.78 0.17 -6.15
N ILE B 316 -16.67 0.93 -6.78
CA ILE B 316 -18.09 0.82 -6.62
C ILE B 316 -18.63 0.50 -7.98
N ALA B 317 -19.30 -0.62 -8.10
CA ALA B 317 -19.71 -1.02 -9.50
C ALA B 317 -20.78 -0.11 -10.08
N ASN B 318 -21.73 0.29 -9.23
CA ASN B 318 -22.77 1.25 -9.60
C ASN B 318 -22.85 2.58 -8.74
N PRO B 319 -21.98 3.54 -9.06
CA PRO B 319 -21.81 4.70 -8.08
C PRO B 319 -22.91 5.72 -8.21
N PRO B 320 -23.11 6.61 -7.20
CA PRO B 320 -24.18 7.55 -7.22
C PRO B 320 -24.01 8.54 -8.28
N VAL B 321 -25.12 9.26 -8.45
CA VAL B 321 -25.21 10.07 -9.61
C VAL B 321 -24.42 11.38 -9.40
N GLY B 322 -23.48 11.59 -10.32
CA GLY B 322 -22.66 12.81 -10.35
C GLY B 322 -21.42 12.58 -9.47
N MET B 323 -20.38 13.32 -9.76
CA MET B 323 -19.13 13.30 -8.96
C MET B 323 -19.12 14.63 -8.19
N ILE B 324 -18.47 14.64 -7.05
CA ILE B 324 -18.22 15.88 -6.23
C ILE B 324 -17.03 16.61 -6.83
N TYR B 325 -16.04 15.83 -7.23
CA TYR B 325 -14.80 16.37 -7.77
C TYR B 325 -14.50 15.73 -9.14
N PRO B 326 -15.23 16.12 -10.20
CA PRO B 326 -15.04 15.54 -11.54
C PRO B 326 -13.69 15.93 -12.10
N SER B 327 -13.19 15.09 -13.00
CA SER B 327 -12.04 15.46 -13.81
C SER B 327 -12.35 14.99 -15.24
N ALA B 328 -11.82 15.69 -16.24
CA ALA B 328 -12.18 15.48 -17.68
C ALA B 328 -12.10 14.01 -18.06
N GLU B 329 -11.00 13.40 -17.60
CA GLU B 329 -10.78 11.98 -17.73
C GLU B 329 -11.88 11.07 -17.17
N ALA B 330 -12.54 11.50 -16.12
CA ALA B 330 -13.56 10.70 -15.49
C ALA B 330 -14.84 10.65 -16.26
N LEU B 331 -15.25 11.72 -16.95
CA LEU B 331 -16.54 11.61 -17.65
C LEU B 331 -16.47 10.50 -18.72
N ALA B 332 -17.55 9.70 -18.88
CA ALA B 332 -17.62 8.65 -19.93
C ALA B 332 -17.73 9.23 -21.36
CA CA C . 47.79 -10.45 -36.05
CA CA D . 46.68 -17.91 -25.99
CA CA E . 8.20 -6.53 -32.96
CA CA F . 17.94 -5.60 -26.01
CA CA G . -6.31 15.03 60.09
CA CA H . 0.29 23.50 54.95
CA CA I . -21.80 4.81 24.77
CA CA J . -10.89 6.30 29.48
#